data_8ZA4
#
_entry.id   8ZA4
#
_cell.length_a   73.170
_cell.length_b   37.354
_cell.length_c   116.136
_cell.angle_alpha   90.00
_cell.angle_beta   91.88
_cell.angle_gamma   90.00
#
_symmetry.space_group_name_H-M   'C 1 2 1'
#
loop_
_entity.id
_entity.type
_entity.pdbx_description
1 polymer "RNA (5'-R(*UP*CP*UP*GP*GP*GP*CP*CP*AP*GP*GP*CP*AP*GP*G)-3')"
2 polymer "RNA (5'-R(*CP*UP*UP*GP*CP*GP*CP*UP*CP*AP*AP*CP*CP*AP*GP*A)-3')"
#
loop_
_entity_poly.entity_id
_entity_poly.type
_entity_poly.pdbx_seq_one_letter_code
_entity_poly.pdbx_strand_id
1 'polyribonucleotide' UCUGGGCCAGGCAGG A,C,E
2 'polyribonucleotide' CUUGCGCUCAACCAGA B,D,F
#
loop_
_chem_comp.id
_chem_comp.type
_chem_comp.name
_chem_comp.formula
A RNA linking ADENOSINE-5'-MONOPHOSPHATE 'C10 H14 N5 O7 P'
C RNA linking CYTIDINE-5'-MONOPHOSPHATE 'C9 H14 N3 O8 P'
G RNA linking GUANOSINE-5'-MONOPHOSPHATE 'C10 H14 N5 O8 P'
U RNA linking URIDINE-5'-MONOPHOSPHATE 'C9 H13 N2 O9 P'
#